data_4MQ0
#
_entry.id   4MQ0
#
_cell.length_a   77.139
_cell.length_b   86.659
_cell.length_c   127.857
_cell.angle_alpha   90.00
_cell.angle_beta   90.00
_cell.angle_gamma   90.00
#
_symmetry.space_group_name_H-M   'C 2 2 21'
#
loop_
_entity.id
_entity.type
_entity.pdbx_description
1 polymer 'Parkia biglobosa lectin (PBL)'
2 non-polymer 'methyl alpha-D-mannopyranoside'
3 water water
#
_entity_poly.entity_id   1
_entity_poly.type   'polypeptide(L)'
_entity_poly.pdbx_seq_one_letter_code
;SLKGMISVGPWGGSGGDHWSFKANHAITEILIHVKDNIKSISFKDAGGDISGTFGGKDPRENKKGEEKKIGIRWPTEYLK
SISGSYGDYNGILVIRSLSFITNLTTYGPFGSTSGGESFSIPIADSVVVGFHGRAGYYLDALGIFVQPVPHRTISFGPWG
GPAGDDAFNFKVGSWIKDIIVYADATINSIAFKDADGHCEKFGGQDPNDIGVEEKVEIDGNLEHLTSISGTYGNYKGFEV
LTSLSFITNVTKHGPFGIASGTSFSRPIEGSLVTGFHGKGGYYLDSIGIYVKPRDVEGSISIGPWGGSGGDPWSYTANEG
INQIIIYAGSNIKSIAFKDTSGLDSATFGGVNPKDTGEKNTVSIKWPSEYLTSIDGTYGQYKFKDVFTTVTSLSFTTNLA
TYGPFGKASLTSFSIPIHNNMVVGFHGRAGDYLDAIGIFVKPDTAV
;
_entity_poly.pdbx_strand_id   A
#
# COMPACT_ATOMS: atom_id res chain seq x y z
N GLY A 4 -3.98 9.96 1.56
CA GLY A 4 -3.74 10.56 0.20
C GLY A 4 -4.39 9.70 -0.85
N MET A 5 -3.95 9.89 -2.10
CA MET A 5 -4.38 9.05 -3.22
C MET A 5 -3.25 8.66 -4.18
N ILE A 6 -3.44 7.53 -4.81
CA ILE A 6 -2.49 6.98 -5.73
C ILE A 6 -2.95 7.35 -7.14
N SER A 7 -2.02 7.75 -8.01
CA SER A 7 -2.34 8.02 -9.36
C SER A 7 -2.13 6.75 -10.18
N VAL A 8 -3.03 6.48 -11.14
CA VAL A 8 -2.84 5.40 -12.12
C VAL A 8 -3.05 5.88 -13.57
N GLY A 9 -2.13 5.53 -14.46
CA GLY A 9 -2.14 6.04 -15.85
C GLY A 9 -1.27 7.27 -15.88
N PRO A 10 -1.59 8.28 -16.71
CA PRO A 10 -2.68 8.34 -17.68
C PRO A 10 -2.44 7.47 -18.94
N TRP A 11 -3.46 7.14 -19.73
CA TRP A 11 -3.22 6.42 -20.99
C TRP A 11 -3.53 7.35 -22.13
N GLY A 12 -2.84 7.23 -23.27
CA GLY A 12 -3.12 8.12 -24.41
C GLY A 12 -1.93 8.94 -24.82
N GLY A 13 -2.18 10.11 -25.44
CA GLY A 13 -1.12 10.94 -26.03
C GLY A 13 -0.61 12.07 -25.13
N SER A 14 0.39 12.79 -25.63
CA SER A 14 1.04 13.82 -24.87
C SER A 14 0.62 15.16 -25.40
N GLY A 15 -0.28 15.21 -26.40
CA GLY A 15 -0.87 16.50 -26.81
C GLY A 15 -1.87 17.09 -25.79
N GLY A 16 -2.44 18.25 -26.11
CA GLY A 16 -3.36 18.97 -25.24
C GLY A 16 -2.76 19.55 -23.96
N ASP A 17 -3.60 20.02 -23.07
CA ASP A 17 -3.20 20.57 -21.79
C ASP A 17 -3.55 19.62 -20.64
N HIS A 18 -2.72 19.59 -19.61
CA HIS A 18 -2.94 18.72 -18.47
C HIS A 18 -3.97 19.23 -17.52
N TRP A 19 -4.66 18.32 -16.89
CA TRP A 19 -5.72 18.63 -15.96
C TRP A 19 -5.82 17.52 -14.92
N SER A 20 -6.43 17.82 -13.79
CA SER A 20 -6.55 16.85 -12.74
C SER A 20 -7.70 17.25 -11.83
N PHE A 21 -8.63 16.34 -11.59
CA PHE A 21 -9.83 16.67 -10.87
C PHE A 21 -10.03 15.58 -9.80
N LYS A 22 -9.82 15.96 -8.56
CA LYS A 22 -10.10 15.15 -7.39
C LYS A 22 -11.45 15.57 -6.81
N ALA A 23 -12.40 14.67 -6.76
CA ALA A 23 -13.72 15.01 -6.29
C ALA A 23 -13.77 15.03 -4.78
N ASN A 24 -14.48 16.02 -4.23
CA ASN A 24 -14.65 16.10 -2.80
C ASN A 24 -15.54 14.99 -2.25
N HIS A 25 -16.55 14.62 -3.01
CA HIS A 25 -17.30 13.44 -2.62
C HIS A 25 -17.26 12.44 -3.78
N ALA A 26 -17.92 11.31 -3.58
CA ALA A 26 -17.86 10.23 -4.54
C ALA A 26 -18.28 10.73 -5.92
N ILE A 27 -17.68 10.13 -6.93
CA ILE A 27 -18.06 10.41 -8.31
C ILE A 27 -19.38 9.70 -8.60
N THR A 28 -20.37 10.45 -9.11
CA THR A 28 -21.72 9.93 -9.28
C THR A 28 -22.17 10.02 -10.71
N GLU A 29 -21.39 10.77 -11.50
CA GLU A 29 -21.79 10.97 -12.85
C GLU A 29 -20.55 11.23 -13.69
N ILE A 30 -20.51 10.58 -14.85
CA ILE A 30 -19.59 10.96 -15.89
C ILE A 30 -20.35 11.37 -17.14
N LEU A 31 -20.08 12.56 -17.68
CA LEU A 31 -20.59 12.93 -19.02
C LEU A 31 -19.46 12.88 -20.03
N ILE A 32 -19.71 12.24 -21.15
CA ILE A 32 -18.80 12.29 -22.29
C ILE A 32 -19.47 12.80 -23.55
N HIS A 33 -18.69 13.42 -24.42
CA HIS A 33 -19.10 13.62 -25.79
C HIS A 33 -18.22 12.73 -26.66
N VAL A 34 -19.00 11.80 -27.42
CA VAL A 34 -18.17 10.90 -28.27
C VAL A 34 -18.75 10.48 -29.60
N LYS A 35 -17.84 10.51 -30.60
CA LYS A 35 -18.06 10.03 -31.98
C LYS A 35 -17.16 8.85 -32.53
N ASP A 36 -15.85 9.07 -32.77
CA ASP A 36 -14.97 8.03 -33.29
C ASP A 36 -13.87 8.05 -32.23
N ASN A 37 -14.04 9.00 -31.31
CA ASN A 37 -13.15 9.25 -30.22
C ASN A 37 -13.84 10.10 -29.19
N ILE A 38 -13.24 10.20 -28.01
CA ILE A 38 -13.85 10.99 -26.94
C ILE A 38 -13.42 12.45 -27.07
N LYS A 39 -14.42 13.29 -27.29
CA LYS A 39 -14.23 14.70 -27.56
C LYS A 39 -14.02 15.40 -26.26
N SER A 40 -14.77 15.00 -25.23
CA SER A 40 -14.67 15.68 -23.93
C SER A 40 -15.22 14.79 -22.80
N ILE A 41 -14.93 15.16 -21.56
CA ILE A 41 -15.31 14.40 -20.37
C ILE A 41 -15.56 15.41 -19.23
N SER A 42 -16.48 15.12 -18.31
CA SER A 42 -16.65 15.92 -17.10
C SER A 42 -17.30 15.01 -16.04
N PHE A 43 -17.22 15.43 -14.77
CA PHE A 43 -17.61 14.63 -13.66
C PHE A 43 -18.53 15.43 -12.75
N LYS A 44 -19.35 14.70 -12.03
CA LYS A 44 -20.20 15.23 -10.99
C LYS A 44 -19.97 14.36 -9.74
N ASP A 45 -20.04 14.99 -8.57
CA ASP A 45 -19.77 14.30 -7.34
C ASP A 45 -21.02 14.25 -6.46
N ALA A 46 -20.97 13.44 -5.43
CA ALA A 46 -22.16 13.08 -4.64
C ALA A 46 -22.83 14.30 -4.03
N GLY A 47 -22.04 15.32 -3.68
CA GLY A 47 -22.61 16.57 -3.20
C GLY A 47 -23.07 17.50 -4.33
N GLY A 48 -22.88 17.12 -5.59
CA GLY A 48 -23.46 17.89 -6.70
C GLY A 48 -22.55 18.90 -7.37
N ASP A 49 -21.30 19.01 -6.90
CA ASP A 49 -20.27 19.78 -7.63
C ASP A 49 -19.98 19.11 -8.96
N ILE A 50 -19.88 19.94 -10.01
CA ILE A 50 -19.35 19.48 -11.29
C ILE A 50 -17.85 19.88 -11.47
N SER A 51 -17.14 19.12 -12.29
CA SER A 51 -15.77 19.46 -12.67
C SER A 51 -15.88 20.37 -13.87
N GLY A 52 -14.80 20.95 -14.35
CA GLY A 52 -15.00 21.53 -15.69
C GLY A 52 -15.29 20.46 -16.73
N THR A 53 -15.66 20.88 -17.96
CA THR A 53 -15.66 20.02 -19.15
C THR A 53 -14.28 20.06 -19.71
N PHE A 54 -13.61 18.92 -19.72
CA PHE A 54 -12.24 18.77 -20.25
C PHE A 54 -12.28 18.35 -21.73
N GLY A 55 -11.76 19.19 -22.62
CA GLY A 55 -11.83 18.97 -24.07
C GLY A 55 -13.05 19.62 -24.68
N GLY A 56 -13.50 19.09 -25.81
CA GLY A 56 -14.63 19.65 -26.54
C GLY A 56 -14.36 20.98 -27.27
N LYS A 57 -13.11 21.34 -27.45
CA LYS A 57 -12.82 22.69 -28.01
C LYS A 57 -12.76 22.78 -29.54
N ASP A 58 -13.00 21.69 -30.28
CA ASP A 58 -13.08 21.76 -31.77
C ASP A 58 -14.22 22.69 -32.21
N PRO A 59 -13.91 23.72 -33.02
CA PRO A 59 -14.97 24.66 -33.43
C PRO A 59 -15.99 24.10 -34.44
N ARG A 60 -15.72 22.94 -34.99
CA ARG A 60 -16.59 22.42 -36.02
C ARG A 60 -17.77 21.70 -35.37
N GLU A 61 -18.98 22.05 -35.82
CA GLU A 61 -20.21 21.46 -35.32
C GLU A 61 -20.28 19.94 -35.51
N ASN A 62 -19.67 19.41 -36.58
CA ASN A 62 -19.71 17.97 -36.81
C ASN A 62 -19.08 17.31 -35.59
N LYS A 63 -18.06 17.98 -35.07
CA LYS A 63 -17.05 17.40 -34.17
C LYS A 63 -17.43 17.59 -32.72
N LYS A 64 -18.73 17.78 -32.50
CA LYS A 64 -19.28 17.90 -31.16
C LYS A 64 -19.33 16.55 -30.47
N GLY A 65 -19.68 15.51 -31.26
CA GLY A 65 -19.89 14.17 -30.74
C GLY A 65 -21.25 14.08 -30.05
N GLU A 66 -21.56 12.93 -29.47
CA GLU A 66 -22.85 12.74 -28.82
C GLU A 66 -22.66 12.65 -27.34
N GLU A 67 -23.57 13.28 -26.59
CA GLU A 67 -23.55 13.17 -25.14
C GLU A 67 -24.05 11.84 -24.58
N LYS A 68 -23.21 11.19 -23.78
CA LYS A 68 -23.63 10.11 -22.87
C LYS A 68 -23.37 10.44 -21.39
N LYS A 69 -24.26 9.98 -20.54
CA LYS A 69 -24.19 10.25 -19.15
C LYS A 69 -24.07 8.87 -18.52
N ILE A 70 -23.06 8.69 -17.67
CA ILE A 70 -23.00 7.49 -16.87
C ILE A 70 -23.29 7.91 -15.45
N GLY A 71 -24.35 7.33 -14.87
CA GLY A 71 -24.73 7.61 -13.49
C GLY A 71 -24.22 6.46 -12.66
N ILE A 72 -23.61 6.79 -11.51
CA ILE A 72 -23.14 5.79 -10.57
C ILE A 72 -24.15 5.86 -9.44
N ARG A 73 -24.70 4.70 -9.06
CA ARG A 73 -25.86 4.70 -8.17
C ARG A 73 -25.43 4.73 -6.72
N TRP A 74 -24.73 5.79 -6.34
CA TRP A 74 -24.26 6.02 -4.98
C TRP A 74 -25.47 6.01 -4.03
N PRO A 75 -25.28 5.60 -2.72
CA PRO A 75 -24.02 5.11 -2.11
C PRO A 75 -23.78 3.61 -2.29
N THR A 76 -24.75 2.92 -2.86
CA THR A 76 -24.65 1.49 -3.07
C THR A 76 -23.67 1.05 -4.19
N GLU A 77 -23.58 1.85 -5.24
CA GLU A 77 -22.66 1.60 -6.31
C GLU A 77 -21.53 2.62 -6.18
N TYR A 78 -20.29 2.22 -6.39
CA TYR A 78 -19.15 3.16 -6.39
C TYR A 78 -18.21 2.81 -7.54
N LEU A 79 -17.63 3.80 -8.22
CA LEU A 79 -16.68 3.52 -9.31
C LEU A 79 -15.41 2.88 -8.74
N LYS A 80 -14.99 1.77 -9.31
CA LYS A 80 -13.76 1.13 -8.79
C LYS A 80 -12.59 1.21 -9.73
N SER A 81 -12.90 1.22 -11.02
CA SER A 81 -11.87 1.27 -12.08
C SER A 81 -12.43 1.74 -13.44
N ILE A 82 -11.54 1.81 -14.41
CA ILE A 82 -11.87 2.07 -15.80
C ILE A 82 -11.11 1.13 -16.72
N SER A 83 -11.57 1.04 -17.94
CA SER A 83 -10.82 0.47 -19.04
C SER A 83 -11.09 1.36 -20.25
N GLY A 84 -10.41 1.08 -21.36
CA GLY A 84 -10.55 1.84 -22.59
C GLY A 84 -9.53 1.51 -23.64
N SER A 85 -9.28 2.46 -24.54
CA SER A 85 -8.31 2.26 -25.64
C SER A 85 -7.86 3.63 -26.11
N TYR A 86 -6.60 3.70 -26.57
CA TYR A 86 -6.12 4.91 -27.23
C TYR A 86 -5.55 4.58 -28.60
N GLY A 87 -5.68 5.53 -29.51
CA GLY A 87 -5.08 5.42 -30.83
C GLY A 87 -5.20 6.65 -31.68
N ASP A 88 -4.67 6.52 -32.88
CA ASP A 88 -4.66 7.69 -33.74
C ASP A 88 -6.05 8.18 -34.07
N TYR A 89 -6.24 9.49 -33.99
CA TYR A 89 -7.47 10.06 -34.52
C TYR A 89 -7.10 11.26 -35.36
N ASN A 90 -7.39 11.15 -36.64
CA ASN A 90 -6.97 12.20 -37.59
C ASN A 90 -5.54 12.73 -37.34
N GLY A 91 -4.61 11.84 -37.04
CA GLY A 91 -3.24 12.28 -36.82
C GLY A 91 -2.74 12.36 -35.38
N ILE A 92 -3.65 12.37 -34.42
CA ILE A 92 -3.25 12.53 -33.03
C ILE A 92 -3.53 11.28 -32.19
N LEU A 93 -2.61 10.98 -31.28
CA LEU A 93 -2.71 9.89 -30.32
C LEU A 93 -3.67 10.35 -29.21
N VAL A 94 -4.79 9.65 -29.07
CA VAL A 94 -5.94 10.21 -28.36
C VAL A 94 -6.72 9.06 -27.68
N ILE A 95 -7.52 9.36 -26.63
CA ILE A 95 -8.46 8.34 -26.09
C ILE A 95 -9.54 8.11 -27.14
N ARG A 96 -9.61 6.86 -27.60
CA ARG A 96 -10.64 6.43 -28.53
C ARG A 96 -11.87 5.84 -27.87
N SER A 97 -11.71 5.12 -26.76
CA SER A 97 -12.89 4.61 -26.05
C SER A 97 -12.65 4.43 -24.55
N LEU A 98 -13.76 4.34 -23.81
CA LEU A 98 -13.69 4.21 -22.36
C LEU A 98 -14.75 3.25 -21.82
N SER A 99 -14.40 2.49 -20.78
CA SER A 99 -15.40 1.86 -19.93
C SER A 99 -15.25 2.28 -18.44
N PHE A 100 -16.38 2.26 -17.73
CA PHE A 100 -16.47 2.68 -16.37
C PHE A 100 -16.85 1.49 -15.48
N ILE A 101 -15.89 1.06 -14.66
CA ILE A 101 -16.01 -0.18 -13.85
C ILE A 101 -16.42 0.06 -12.39
N THR A 102 -17.62 -0.41 -12.12
CA THR A 102 -18.26 -0.21 -10.85
C THR A 102 -18.19 -1.54 -10.05
N ASN A 103 -18.49 -1.54 -8.73
CA ASN A 103 -18.64 -2.81 -7.95
C ASN A 103 -19.84 -3.64 -8.44
N LEU A 104 -20.83 -3.00 -9.06
CA LEU A 104 -21.95 -3.75 -9.60
C LEU A 104 -21.79 -4.15 -11.05
N THR A 105 -21.19 -3.32 -11.89
CA THR A 105 -21.29 -3.58 -13.31
C THR A 105 -20.28 -2.76 -14.12
N THR A 106 -20.37 -2.85 -15.44
CA THR A 106 -19.56 -2.02 -16.35
C THR A 106 -20.48 -1.21 -17.27
N TYR A 107 -20.24 0.11 -17.35
CA TYR A 107 -20.90 0.98 -18.32
C TYR A 107 -19.95 1.18 -19.52
N GLY A 108 -20.42 0.82 -20.72
CA GLY A 108 -19.61 0.91 -21.90
C GLY A 108 -19.49 -0.41 -22.63
N PRO A 109 -18.62 -0.48 -23.65
CA PRO A 109 -17.67 0.58 -23.99
C PRO A 109 -18.32 1.72 -24.78
N PHE A 110 -17.74 2.93 -24.65
CA PHE A 110 -18.17 4.10 -25.44
C PHE A 110 -17.01 4.56 -26.36
N GLY A 111 -17.31 4.76 -27.64
CA GLY A 111 -16.33 5.14 -28.66
C GLY A 111 -15.84 3.96 -29.47
N SER A 112 -14.90 4.21 -30.40
CA SER A 112 -14.33 3.15 -31.26
C SER A 112 -13.38 2.20 -30.49
N THR A 113 -13.66 0.90 -30.60
CA THR A 113 -12.73 -0.10 -30.05
C THR A 113 -11.82 -0.64 -31.13
N SER A 114 -11.73 0.05 -32.26
CA SER A 114 -10.89 -0.44 -33.33
C SER A 114 -9.86 0.62 -33.65
N GLY A 115 -8.64 0.20 -33.94
CA GLY A 115 -7.70 1.13 -34.54
C GLY A 115 -6.70 1.65 -33.56
N GLY A 116 -6.63 0.99 -32.40
CA GLY A 116 -5.75 1.44 -31.34
C GLY A 116 -5.36 0.35 -30.37
N GLU A 117 -5.06 0.77 -29.15
CA GLU A 117 -4.49 -0.16 -28.20
C GLU A 117 -5.29 -0.06 -26.92
N SER A 118 -5.62 -1.19 -26.32
CA SER A 118 -6.41 -1.08 -25.12
C SER A 118 -5.61 -1.12 -23.83
N PHE A 119 -6.25 -0.68 -22.77
CA PHE A 119 -5.65 -0.80 -21.47
C PHE A 119 -6.68 -1.33 -20.51
N SER A 120 -6.19 -1.95 -19.45
CA SER A 120 -7.02 -2.36 -18.33
C SER A 120 -6.18 -2.26 -17.06
N ILE A 121 -6.80 -2.36 -15.89
CA ILE A 121 -6.04 -2.18 -14.64
C ILE A 121 -6.16 -3.41 -13.74
N PRO A 122 -5.05 -4.08 -13.44
CA PRO A 122 -5.08 -5.27 -12.54
C PRO A 122 -5.21 -4.89 -11.08
N ILE A 123 -6.30 -4.27 -10.70
CA ILE A 123 -6.36 -3.58 -9.41
C ILE A 123 -7.47 -4.20 -8.57
N ALA A 124 -7.31 -4.28 -7.26
CA ALA A 124 -8.46 -4.65 -6.44
C ALA A 124 -8.61 -3.69 -5.28
N ASP A 125 -9.81 -3.69 -4.73
CA ASP A 125 -10.10 -2.95 -3.51
C ASP A 125 -9.90 -1.45 -3.63
N SER A 126 -10.14 -0.90 -4.81
CA SER A 126 -9.97 0.54 -4.97
C SER A 126 -11.30 1.23 -5.15
N VAL A 127 -11.26 2.56 -5.02
CA VAL A 127 -12.35 3.44 -5.34
C VAL A 127 -11.77 4.56 -6.17
N VAL A 128 -12.37 4.82 -7.34
CA VAL A 128 -11.94 5.97 -8.13
C VAL A 128 -12.43 7.28 -7.49
N VAL A 129 -11.51 8.14 -7.02
CA VAL A 129 -11.90 9.38 -6.31
C VAL A 129 -11.64 10.60 -7.17
N GLY A 130 -11.11 10.38 -8.36
CA GLY A 130 -10.79 11.51 -9.27
C GLY A 130 -10.15 11.05 -10.56
N PHE A 131 -9.88 12.01 -11.44
CA PHE A 131 -9.34 11.72 -12.75
C PHE A 131 -8.26 12.75 -13.02
N HIS A 132 -7.41 12.46 -13.97
CA HIS A 132 -6.44 13.39 -14.49
C HIS A 132 -6.23 13.03 -15.93
N GLY A 133 -5.53 13.85 -16.68
CA GLY A 133 -5.39 13.60 -18.09
C GLY A 133 -4.98 14.78 -18.91
N ARG A 134 -5.35 14.80 -20.17
CA ARG A 134 -4.98 15.86 -21.08
C ARG A 134 -6.05 16.18 -22.08
N ALA A 135 -6.19 17.45 -22.44
CA ALA A 135 -7.16 17.81 -23.43
C ALA A 135 -6.95 19.13 -24.18
N GLY A 136 -7.49 19.19 -25.38
CA GLY A 136 -7.70 20.41 -26.18
C GLY A 136 -9.03 20.17 -26.89
N TYR A 137 -8.87 20.03 -28.30
CA TYR A 137 -10.05 19.67 -29.08
C TYR A 137 -10.67 18.43 -28.46
N TYR A 138 -9.82 17.43 -28.15
CA TYR A 138 -10.32 16.15 -27.65
C TYR A 138 -9.66 15.70 -26.38
N LEU A 139 -9.95 14.45 -26.01
CA LEU A 139 -9.41 13.84 -24.81
C LEU A 139 -8.12 13.09 -25.17
N ASP A 140 -7.00 13.81 -25.16
CA ASP A 140 -5.72 13.19 -25.50
C ASP A 140 -5.39 12.05 -24.58
N ALA A 141 -5.60 12.28 -23.28
CA ALA A 141 -5.18 11.33 -22.23
C ALA A 141 -6.12 11.27 -20.98
N LEU A 142 -6.12 10.13 -20.32
CA LEU A 142 -6.97 9.97 -19.14
C LEU A 142 -6.30 8.95 -18.28
N GLY A 143 -6.30 9.23 -16.98
CA GLY A 143 -5.84 8.32 -15.90
C GLY A 143 -6.76 8.54 -14.70
N ILE A 144 -6.62 7.76 -13.63
CA ILE A 144 -7.53 7.86 -12.50
C ILE A 144 -6.78 8.15 -11.18
N PHE A 145 -7.49 8.65 -10.17
CA PHE A 145 -6.95 8.70 -8.79
C PHE A 145 -7.75 7.72 -7.97
N VAL A 146 -7.07 6.95 -7.13
CA VAL A 146 -7.76 5.92 -6.36
C VAL A 146 -7.38 5.97 -4.90
N GLN A 147 -8.36 5.59 -4.07
CA GLN A 147 -8.21 5.34 -2.65
C GLN A 147 -8.76 3.92 -2.35
N PRO A 148 -8.31 3.29 -1.25
CA PRO A 148 -8.86 1.99 -0.86
C PRO A 148 -10.34 2.09 -0.49
N VAL A 149 -11.12 1.05 -0.74
CA VAL A 149 -12.44 0.98 -0.10
C VAL A 149 -12.18 0.92 1.41
N PRO A 150 -13.21 1.26 2.23
CA PRO A 150 -12.91 1.44 3.65
C PRO A 150 -12.34 0.20 4.34
N HIS A 151 -11.32 0.33 5.00
CA HIS A 151 -10.68 -0.67 5.85
C HIS A 151 -9.93 -1.71 5.02
N ARG A 152 -9.72 -1.39 3.76
CA ARG A 152 -8.96 -2.25 2.87
C ARG A 152 -7.65 -1.60 2.42
N THR A 153 -6.87 -2.30 1.60
CA THR A 153 -5.62 -1.75 1.05
C THR A 153 -5.60 -2.07 -0.42
N ILE A 154 -5.34 -1.06 -1.24
CA ILE A 154 -5.36 -1.26 -2.68
C ILE A 154 -4.35 -2.32 -3.11
N SER A 155 -4.80 -3.17 -4.01
CA SER A 155 -4.03 -4.27 -4.52
C SER A 155 -3.82 -4.20 -6.03
N PHE A 156 -2.62 -4.52 -6.46
CA PHE A 156 -2.31 -4.73 -7.87
C PHE A 156 -1.78 -6.10 -8.11
N GLY A 157 -2.15 -6.66 -9.24
CA GLY A 157 -1.77 -8.02 -9.57
C GLY A 157 -2.82 -8.96 -9.03
N PRO A 158 -2.43 -10.24 -8.78
CA PRO A 158 -1.06 -10.73 -8.96
C PRO A 158 -0.76 -11.04 -10.44
N TRP A 159 0.51 -11.04 -10.80
CA TRP A 159 0.90 -11.46 -12.15
C TRP A 159 1.54 -12.83 -12.05
N GLY A 160 1.56 -13.56 -13.16
CA GLY A 160 2.10 -14.91 -13.22
C GLY A 160 1.04 -15.97 -13.37
N GLY A 161 1.42 -17.19 -13.02
CA GLY A 161 0.56 -18.36 -13.22
C GLY A 161 -0.40 -18.66 -12.10
N PRO A 162 -1.25 -19.65 -12.31
CA PRO A 162 -2.24 -20.04 -11.30
C PRO A 162 -1.76 -21.18 -10.39
N ALA A 163 -0.59 -21.51 -10.39
CA ALA A 163 0.03 -22.60 -9.65
C ALA A 163 1.01 -22.10 -8.59
N GLY A 164 1.46 -22.90 -7.70
CA GLY A 164 2.06 -22.54 -6.43
C GLY A 164 1.16 -23.11 -5.35
N ASP A 165 1.70 -24.07 -4.58
CA ASP A 165 0.94 -24.70 -3.51
C ASP A 165 1.06 -23.94 -2.17
N ASP A 166 2.15 -23.19 -1.99
CA ASP A 166 2.31 -22.31 -0.84
C ASP A 166 2.03 -20.84 -1.14
N ALA A 167 0.80 -20.40 -0.96
CA ALA A 167 0.46 -18.99 -1.06
C ALA A 167 1.03 -18.12 0.07
N PHE A 168 1.19 -16.84 -0.22
CA PHE A 168 1.64 -15.87 0.75
C PHE A 168 0.92 -14.58 0.56
N ASN A 169 0.65 -13.97 1.71
CA ASN A 169 0.20 -12.61 1.80
C ASN A 169 0.85 -12.06 3.05
N PHE A 170 1.18 -10.79 2.98
CA PHE A 170 1.42 -9.98 4.16
C PHE A 170 1.48 -8.51 3.80
N LYS A 171 1.34 -7.67 4.82
CA LYS A 171 1.56 -6.23 4.72
C LYS A 171 2.33 -5.76 5.92
N VAL A 172 3.06 -4.67 5.77
CA VAL A 172 3.86 -4.18 6.86
C VAL A 172 3.45 -2.82 7.32
N GLY A 173 3.70 -2.52 8.57
CA GLY A 173 3.25 -1.27 9.16
C GLY A 173 4.28 -0.17 9.03
N SER A 174 5.48 -0.53 8.57
CA SER A 174 6.57 0.44 8.42
C SER A 174 7.25 0.80 7.09
N TRP A 175 7.88 -0.19 6.47
CA TRP A 175 8.34 -0.13 5.08
C TRP A 175 8.96 -1.48 4.73
N ILE A 176 9.28 -1.66 3.46
CA ILE A 176 9.90 -2.93 2.99
C ILE A 176 11.39 -2.52 2.91
N LYS A 177 12.24 -3.21 3.68
CA LYS A 177 13.63 -2.79 3.74
C LYS A 177 14.64 -3.66 3.00
N ASP A 178 14.51 -4.99 3.08
CA ASP A 178 15.42 -5.92 2.41
C ASP A 178 14.61 -6.92 1.63
N ILE A 179 15.06 -7.16 0.40
CA ILE A 179 14.48 -8.15 -0.46
C ILE A 179 15.55 -9.20 -0.79
N ILE A 180 15.25 -10.47 -0.57
CA ILE A 180 16.21 -11.51 -0.84
C ILE A 180 15.66 -12.37 -1.95
N VAL A 181 16.35 -12.40 -3.09
CA VAL A 181 15.90 -13.16 -4.24
C VAL A 181 16.96 -14.17 -4.64
N TYR A 182 16.53 -15.35 -4.99
CA TYR A 182 17.38 -16.31 -5.65
C TYR A 182 16.88 -16.36 -7.07
N ALA A 183 17.82 -16.22 -8.00
CA ALA A 183 17.49 -16.45 -9.37
C ALA A 183 18.65 -16.52 -10.34
N ASP A 184 18.53 -17.46 -11.25
CA ASP A 184 19.13 -17.40 -12.58
C ASP A 184 18.38 -17.32 -13.89
N ALA A 185 17.71 -18.41 -14.24
CA ALA A 185 16.90 -18.48 -15.46
C ALA A 185 15.57 -17.80 -15.14
N THR A 186 15.08 -18.04 -13.94
CA THR A 186 13.84 -17.40 -13.48
C THR A 186 14.13 -16.86 -12.14
N ILE A 187 13.04 -16.36 -11.55
CA ILE A 187 13.01 -16.10 -10.12
C ILE A 187 12.74 -17.42 -9.40
N ASN A 188 13.77 -17.88 -8.68
CA ASN A 188 13.71 -19.15 -7.92
C ASN A 188 12.90 -19.04 -6.62
N SER A 189 13.18 -17.95 -5.89
CA SER A 189 12.52 -17.66 -4.62
C SER A 189 12.66 -16.18 -4.29
N ILE A 190 11.82 -15.70 -3.39
CA ILE A 190 11.80 -14.29 -2.95
C ILE A 190 11.49 -14.26 -1.47
N ALA A 191 12.19 -13.38 -0.77
CA ALA A 191 12.02 -13.22 0.66
C ALA A 191 12.09 -11.73 0.96
N PHE A 192 11.62 -11.33 2.13
CA PHE A 192 11.59 -9.91 2.46
C PHE A 192 11.93 -9.67 3.91
N LYS A 193 12.66 -8.59 4.17
CA LYS A 193 13.06 -8.24 5.54
C LYS A 193 12.49 -6.89 5.94
N ASP A 194 11.46 -6.90 6.77
CA ASP A 194 10.82 -5.68 7.24
C ASP A 194 11.81 -4.79 7.99
N ALA A 195 11.69 -3.48 7.80
CA ALA A 195 12.56 -2.52 8.46
C ALA A 195 13.00 -3.02 9.83
N ASP A 196 12.04 -3.58 10.57
CA ASP A 196 12.31 -4.10 11.91
C ASP A 196 13.26 -5.32 11.98
N GLY A 197 13.59 -5.89 10.82
CA GLY A 197 14.35 -7.16 10.78
C GLY A 197 13.48 -8.42 10.72
N HIS A 198 12.15 -8.27 10.79
CA HIS A 198 11.25 -9.42 10.61
C HIS A 198 11.31 -9.95 9.15
N CYS A 199 11.64 -11.23 9.00
CA CYS A 199 11.85 -11.83 7.68
C CYS A 199 10.66 -12.67 7.20
N GLU A 200 10.82 -13.15 5.97
CA GLU A 200 9.75 -13.57 5.08
C GLU A 200 10.40 -14.46 4.03
N LYS A 201 9.62 -15.31 3.36
CA LYS A 201 10.19 -16.21 2.36
C LYS A 201 9.17 -16.78 1.37
N PHE A 202 9.66 -17.22 0.21
CA PHE A 202 8.80 -17.84 -0.79
C PHE A 202 9.58 -18.69 -1.81
N GLY A 203 8.87 -19.61 -2.46
CA GLY A 203 9.44 -20.39 -3.53
C GLY A 203 10.72 -21.12 -3.22
N GLY A 204 11.48 -21.44 -4.24
CA GLY A 204 12.79 -22.02 -4.04
C GLY A 204 12.88 -23.45 -3.58
N GLN A 205 11.98 -24.27 -4.06
CA GLN A 205 11.92 -25.65 -3.59
C GLN A 205 12.44 -26.67 -4.60
N ASP A 206 13.06 -26.22 -5.71
CA ASP A 206 13.63 -27.17 -6.68
C ASP A 206 15.06 -27.50 -6.30
N PRO A 207 15.32 -28.77 -5.91
CA PRO A 207 16.71 -29.06 -5.51
C PRO A 207 17.69 -28.94 -6.69
N ASN A 208 17.16 -29.04 -7.90
CA ASN A 208 17.95 -29.00 -9.14
C ASN A 208 18.17 -27.60 -9.81
N ASP A 209 17.42 -26.62 -9.34
CA ASP A 209 17.41 -25.28 -9.94
C ASP A 209 17.26 -24.28 -8.79
N ILE A 210 18.37 -23.84 -8.22
CA ILE A 210 18.34 -23.00 -7.00
C ILE A 210 18.58 -21.49 -7.32
N GLY A 211 19.21 -21.20 -8.45
CA GLY A 211 19.60 -19.83 -8.85
C GLY A 211 20.61 -19.19 -7.91
N VAL A 212 20.87 -17.90 -8.12
CA VAL A 212 21.90 -17.17 -7.40
C VAL A 212 21.26 -16.00 -6.60
N GLU A 213 21.63 -15.94 -5.31
CA GLU A 213 21.16 -14.96 -4.35
C GLU A 213 21.57 -13.54 -4.64
N GLU A 214 20.57 -12.66 -4.56
CA GLU A 214 20.76 -11.24 -4.61
C GLU A 214 19.98 -10.46 -3.52
N LYS A 215 20.59 -9.39 -3.07
CA LYS A 215 20.13 -8.68 -1.90
C LYS A 215 19.97 -7.21 -2.24
N VAL A 216 18.79 -6.71 -1.93
CA VAL A 216 18.44 -5.32 -2.12
C VAL A 216 18.06 -4.75 -0.79
N GLU A 217 18.78 -3.72 -0.36
CA GLU A 217 18.44 -3.01 0.85
C GLU A 217 17.89 -1.66 0.42
N ILE A 218 16.69 -1.37 0.88
CA ILE A 218 16.06 -0.10 0.64
C ILE A 218 16.21 0.81 1.85
N ASP A 219 16.91 1.88 1.43
CA ASP A 219 17.55 2.82 2.31
C ASP A 219 16.49 3.83 2.80
N GLY A 220 15.50 3.31 3.54
CA GLY A 220 14.15 3.82 3.67
C GLY A 220 13.79 5.18 4.19
N ASN A 221 14.82 5.88 4.73
CA ASN A 221 14.69 7.25 5.04
C ASN A 221 14.61 7.98 3.72
N LEU A 222 15.64 7.95 2.88
CA LEU A 222 15.47 8.71 1.65
C LEU A 222 14.73 7.93 0.54
N GLU A 223 15.08 6.64 0.41
CA GLU A 223 14.53 5.77 -0.64
C GLU A 223 13.29 4.99 -0.19
N HIS A 224 12.36 4.80 -1.09
CA HIS A 224 11.23 3.94 -0.81
C HIS A 224 10.81 3.15 -2.02
N LEU A 225 10.27 1.97 -1.75
CA LEU A 225 9.75 1.04 -2.79
C LEU A 225 8.42 1.56 -3.31
N THR A 226 8.38 1.96 -4.59
CA THR A 226 7.19 2.61 -5.12
C THR A 226 6.34 1.66 -6.00
N SER A 227 6.97 0.64 -6.56
CA SER A 227 6.34 -0.23 -7.57
C SER A 227 7.29 -1.40 -7.85
N ILE A 228 6.84 -2.32 -8.71
CA ILE A 228 7.66 -3.39 -9.25
C ILE A 228 7.41 -3.53 -10.74
N SER A 229 8.36 -4.16 -11.43
CA SER A 229 8.08 -4.58 -12.79
C SER A 229 8.63 -5.99 -12.96
N GLY A 230 8.37 -6.59 -14.11
CA GLY A 230 9.02 -7.86 -14.43
C GLY A 230 8.37 -8.59 -15.58
N THR A 231 8.42 -9.91 -15.51
CA THR A 231 8.10 -10.70 -16.65
C THR A 231 7.55 -12.04 -16.19
N TYR A 232 6.59 -12.57 -16.92
CA TYR A 232 6.12 -13.89 -16.63
C TYR A 232 5.99 -14.70 -17.90
N GLY A 233 6.26 -15.99 -17.77
CA GLY A 233 6.34 -16.87 -18.92
C GLY A 233 6.46 -18.35 -18.56
N ASN A 234 6.43 -19.18 -19.60
CA ASN A 234 6.53 -20.64 -19.44
C ASN A 234 7.98 -21.01 -19.09
N TYR A 235 8.16 -21.61 -17.92
CA TYR A 235 9.47 -22.03 -17.44
C TYR A 235 9.47 -23.47 -16.97
N LYS A 236 10.07 -24.34 -17.77
CA LYS A 236 10.13 -25.79 -17.47
C LYS A 236 8.70 -26.30 -17.31
N GLY A 237 7.82 -25.83 -18.19
CA GLY A 237 6.39 -26.19 -18.15
C GLY A 237 5.46 -25.29 -17.32
N PHE A 238 6.00 -24.61 -16.30
CA PHE A 238 5.20 -23.81 -15.33
C PHE A 238 5.06 -22.35 -15.79
N GLU A 239 3.89 -21.76 -15.59
CA GLU A 239 3.78 -20.34 -15.87
C GLU A 239 4.23 -19.56 -14.62
N VAL A 240 5.34 -18.85 -14.71
CA VAL A 240 5.85 -18.25 -13.49
C VAL A 240 6.46 -16.91 -13.74
N LEU A 241 6.75 -16.40 -12.66
CA LEU A 241 7.47 -15.16 -12.76
C LEU A 241 8.93 -15.43 -13.02
N THR A 242 9.49 -14.84 -14.18
CA THR A 242 10.79 -15.22 -14.71
C THR A 242 11.87 -14.13 -14.50
N SER A 243 11.42 -12.87 -14.41
CA SER A 243 12.25 -11.76 -13.94
C SER A 243 11.43 -10.82 -13.04
N LEU A 244 12.14 -10.06 -12.19
CA LEU A 244 11.59 -8.98 -11.40
C LEU A 244 12.54 -7.82 -11.22
N SER A 245 11.97 -6.63 -11.11
CA SER A 245 12.75 -5.48 -10.68
C SER A 245 12.00 -4.74 -9.56
N PHE A 246 12.74 -4.25 -8.57
CA PHE A 246 12.15 -3.48 -7.45
C PHE A 246 12.43 -1.99 -7.63
N ILE A 247 11.35 -1.25 -7.92
CA ILE A 247 11.38 0.14 -8.39
C ILE A 247 11.25 1.16 -7.22
N THR A 248 12.18 2.12 -7.14
CA THR A 248 12.17 3.16 -6.08
C THR A 248 12.16 4.58 -6.67
N ASN A 249 11.99 5.60 -5.83
CA ASN A 249 12.17 6.98 -6.23
C ASN A 249 13.63 7.32 -6.53
N VAL A 250 14.55 6.50 -6.06
CA VAL A 250 15.99 6.74 -6.30
C VAL A 250 16.49 5.98 -7.55
N THR A 251 16.11 4.71 -7.66
CA THR A 251 16.68 3.89 -8.73
C THR A 251 15.78 2.70 -9.06
N LYS A 252 16.20 1.88 -10.04
CA LYS A 252 15.58 0.59 -10.22
C LYS A 252 16.58 -0.49 -9.73
N HIS A 253 16.18 -1.28 -8.74
CA HIS A 253 16.98 -2.46 -8.30
C HIS A 253 16.61 -3.72 -9.11
N GLY A 254 17.60 -4.35 -9.71
CA GLY A 254 17.35 -5.39 -10.70
C GLY A 254 17.44 -4.84 -12.11
N PRO A 255 16.88 -5.54 -13.08
CA PRO A 255 16.07 -6.72 -12.94
C PRO A 255 16.87 -7.94 -12.52
N PHE A 256 16.25 -8.79 -11.73
CA PHE A 256 16.85 -10.06 -11.40
C PHE A 256 16.17 -11.11 -12.23
N GLY A 257 16.88 -12.18 -12.55
CA GLY A 257 16.31 -13.28 -13.31
C GLY A 257 16.55 -13.16 -14.81
N ILE A 258 15.63 -13.71 -15.59
CA ILE A 258 15.76 -13.65 -17.03
C ILE A 258 14.45 -13.21 -17.59
N ALA A 259 14.44 -12.11 -18.35
CA ALA A 259 13.22 -11.63 -18.93
C ALA A 259 12.74 -12.57 -20.07
N SER A 260 11.62 -13.23 -19.83
CA SER A 260 11.02 -14.17 -20.78
C SER A 260 9.52 -14.23 -20.62
N GLY A 261 8.82 -14.32 -21.74
CA GLY A 261 7.38 -14.31 -21.71
C GLY A 261 6.92 -12.87 -21.89
N THR A 262 6.11 -12.38 -20.96
CA THR A 262 5.32 -11.15 -21.07
C THR A 262 5.68 -10.18 -19.93
N SER A 263 5.89 -8.92 -20.29
CA SER A 263 6.30 -7.90 -19.33
C SER A 263 5.09 -7.24 -18.69
N PHE A 264 5.18 -7.07 -17.39
CA PHE A 264 4.19 -6.35 -16.68
C PHE A 264 4.89 -5.17 -16.01
N SER A 265 4.13 -4.09 -16.05
CA SER A 265 4.52 -2.84 -15.48
C SER A 265 3.22 -2.30 -14.91
N ARG A 266 3.34 -1.27 -14.13
CA ARG A 266 2.15 -0.65 -13.64
C ARG A 266 2.38 0.83 -13.65
N PRO A 267 1.51 1.55 -14.38
CA PRO A 267 1.78 2.98 -14.36
C PRO A 267 1.23 3.66 -13.11
N ILE A 268 2.01 3.69 -12.05
CA ILE A 268 1.53 4.27 -10.81
C ILE A 268 2.47 5.37 -10.27
N GLU A 269 1.91 6.33 -9.55
CA GLU A 269 2.67 7.40 -9.00
C GLU A 269 2.01 7.64 -7.66
N GLY A 270 2.81 8.15 -6.71
CA GLY A 270 2.28 8.53 -5.43
C GLY A 270 2.09 7.32 -4.54
N SER A 271 2.72 6.21 -4.91
CA SER A 271 2.49 4.94 -4.21
C SER A 271 3.63 4.52 -3.34
N LEU A 272 3.29 3.67 -2.37
CA LEU A 272 4.29 3.02 -1.55
C LEU A 272 3.90 1.57 -1.43
N VAL A 273 4.84 0.66 -1.69
CA VAL A 273 4.53 -0.76 -1.63
C VAL A 273 4.67 -1.18 -0.17
N THR A 274 3.57 -1.60 0.42
CA THR A 274 3.56 -1.99 1.82
C THR A 274 3.43 -3.48 1.97
N GLY A 275 3.37 -4.23 0.88
CA GLY A 275 3.07 -5.62 1.10
C GLY A 275 3.11 -6.37 -0.20
N PHE A 276 3.02 -7.68 -0.12
CA PHE A 276 3.10 -8.52 -1.28
C PHE A 276 2.12 -9.67 -1.09
N HIS A 277 1.65 -10.24 -2.20
CA HIS A 277 0.79 -11.46 -2.17
C HIS A 277 1.06 -12.31 -3.42
N GLY A 278 0.66 -13.59 -3.41
CA GLY A 278 0.97 -14.51 -4.49
C GLY A 278 1.31 -15.90 -4.00
N LYS A 279 1.95 -16.72 -4.87
CA LYS A 279 2.17 -18.16 -4.59
C LYS A 279 3.47 -18.70 -5.17
N GLY A 280 4.09 -19.62 -4.44
CA GLY A 280 5.34 -20.25 -4.88
C GLY A 280 5.37 -21.77 -4.77
N GLY A 281 6.51 -22.37 -5.06
CA GLY A 281 6.68 -23.83 -4.93
C GLY A 281 8.12 -24.10 -5.25
N TYR A 282 8.36 -24.81 -6.35
CA TYR A 282 9.72 -24.88 -6.89
C TYR A 282 10.24 -23.49 -7.19
N TYR A 283 9.35 -22.63 -7.69
CA TYR A 283 9.76 -21.28 -8.13
C TYR A 283 8.63 -20.34 -7.74
N LEU A 284 8.65 -19.13 -8.31
CA LEU A 284 7.72 -18.04 -7.98
C LEU A 284 6.63 -17.98 -9.03
N ASP A 285 5.58 -18.77 -8.80
CA ASP A 285 4.46 -18.83 -9.70
C ASP A 285 3.81 -17.48 -9.94
N SER A 286 3.56 -16.72 -8.86
CA SER A 286 2.83 -15.41 -8.99
C SER A 286 3.14 -14.41 -7.91
N ILE A 287 2.93 -13.12 -8.22
CA ILE A 287 3.17 -12.07 -7.25
C ILE A 287 2.34 -10.80 -7.48
N GLY A 288 1.83 -10.24 -6.38
CA GLY A 288 1.14 -8.97 -6.41
C GLY A 288 1.67 -8.08 -5.34
N ILE A 289 1.18 -6.85 -5.31
CA ILE A 289 1.68 -5.87 -4.35
C ILE A 289 0.52 -5.23 -3.60
N TYR A 290 0.75 -4.68 -2.41
CA TYR A 290 -0.23 -3.84 -1.76
C TYR A 290 0.43 -2.50 -1.76
N VAL A 291 -0.33 -1.44 -2.06
CA VAL A 291 0.24 -0.07 -2.04
C VAL A 291 -0.61 0.89 -1.21
N LYS A 292 0.04 1.78 -0.50
CA LYS A 292 -0.57 2.86 0.25
C LYS A 292 -0.22 4.12 -0.44
N PRO A 293 -1.03 5.15 -0.31
CA PRO A 293 -0.65 6.45 -0.80
C PRO A 293 0.55 6.97 -0.07
N ARG A 294 1.48 7.54 -0.81
CA ARG A 294 2.59 8.21 -0.20
C ARG A 294 2.01 9.45 0.41
N ASP A 295 1.20 9.28 1.44
CA ASP A 295 0.47 10.40 2.01
C ASP A 295 1.39 11.58 2.30
N GLY A 298 3.11 13.25 7.44
CA GLY A 298 4.23 12.95 8.34
C GLY A 298 3.73 12.88 9.78
N SER A 299 4.43 12.12 10.62
CA SER A 299 4.10 12.05 12.03
C SER A 299 5.21 12.78 12.78
N ILE A 300 4.87 13.28 13.96
CA ILE A 300 5.89 13.70 14.92
C ILE A 300 6.28 12.50 15.74
N SER A 301 7.55 12.47 16.14
CA SER A 301 8.09 11.34 16.84
C SER A 301 8.46 11.73 18.25
N ILE A 302 8.00 10.95 19.23
CA ILE A 302 8.34 11.22 20.61
C ILE A 302 9.01 10.03 21.29
N GLY A 303 10.14 10.30 21.96
CA GLY A 303 10.97 9.27 22.62
C GLY A 303 12.01 8.72 21.64
N PRO A 304 12.39 7.44 21.76
CA PRO A 304 11.88 6.38 22.62
C PRO A 304 12.49 6.43 24.01
N TRP A 305 11.79 5.89 25.00
CA TRP A 305 12.38 5.74 26.33
C TRP A 305 12.81 4.29 26.58
N GLY A 306 13.91 4.11 27.30
CA GLY A 306 14.44 2.77 27.63
C GLY A 306 15.94 2.59 27.44
N GLY A 307 16.37 1.34 27.33
CA GLY A 307 17.79 1.03 27.11
C GLY A 307 18.24 1.15 25.68
N SER A 308 19.56 1.05 25.50
CA SER A 308 20.24 1.13 24.20
C SER A 308 20.24 -0.18 23.40
N GLY A 309 19.99 -1.30 24.05
CA GLY A 309 19.93 -2.61 23.39
C GLY A 309 18.76 -2.87 22.44
N GLY A 310 18.78 -3.98 21.70
CA GLY A 310 17.67 -4.36 20.84
C GLY A 310 17.73 -3.79 19.43
N ASP A 311 17.01 -4.43 18.51
CA ASP A 311 16.87 -3.95 17.15
C ASP A 311 15.81 -2.85 17.04
N PRO A 312 16.07 -1.83 16.21
CA PRO A 312 15.05 -0.80 16.03
C PRO A 312 13.80 -1.44 15.43
N TRP A 313 12.64 -0.91 15.82
CA TRP A 313 11.38 -1.28 15.21
C TRP A 313 10.48 -0.06 15.21
N SER A 314 9.48 -0.08 14.34
CA SER A 314 8.46 0.96 14.30
C SER A 314 7.18 0.35 13.71
N TYR A 315 6.07 1.07 13.89
CA TYR A 315 4.76 0.63 13.44
C TYR A 315 3.89 1.85 13.32
N THR A 316 3.40 2.08 12.11
CA THR A 316 2.41 3.08 11.87
C THR A 316 1.11 2.39 11.41
N ALA A 317 0.02 2.69 12.10
CA ALA A 317 -1.27 2.14 11.74
C ALA A 317 -1.63 2.72 10.40
N ASN A 318 -2.32 1.93 9.59
CA ASN A 318 -2.85 2.45 8.37
C ASN A 318 -4.14 3.18 8.67
N GLU A 319 -4.94 2.70 9.62
CA GLU A 319 -6.26 3.32 9.86
C GLU A 319 -6.49 3.98 11.23
N GLY A 320 -6.38 3.21 12.30
CA GLY A 320 -6.39 3.70 13.65
C GLY A 320 -6.22 2.55 14.58
N ILE A 321 -5.40 2.70 15.60
CA ILE A 321 -5.04 1.56 16.45
C ILE A 321 -6.13 1.11 17.42
N ASN A 322 -6.48 -0.18 17.30
CA ASN A 322 -7.67 -0.80 17.85
C ASN A 322 -7.30 -1.53 19.11
N GLN A 323 -6.11 -2.15 19.12
CA GLN A 323 -5.76 -3.10 20.20
C GLN A 323 -4.27 -3.14 20.46
N ILE A 324 -3.92 -3.40 21.71
CA ILE A 324 -2.55 -3.54 22.12
C ILE A 324 -2.46 -4.80 22.93
N ILE A 325 -1.48 -5.63 22.59
CA ILE A 325 -1.20 -6.84 23.35
C ILE A 325 0.17 -6.67 23.98
N ILE A 326 0.25 -6.81 25.29
CA ILE A 326 1.53 -6.60 26.03
C ILE A 326 1.85 -7.79 26.93
N TYR A 327 3.03 -8.38 26.80
CA TYR A 327 3.40 -9.47 27.73
C TYR A 327 4.30 -8.91 28.81
N ALA A 328 3.94 -9.14 30.08
CA ALA A 328 4.76 -8.60 31.15
C ALA A 328 5.10 -9.55 32.30
N GLY A 329 6.20 -9.24 32.98
CA GLY A 329 6.64 -9.91 34.20
C GLY A 329 7.20 -8.81 35.10
N SER A 330 8.48 -8.89 35.46
CA SER A 330 9.07 -7.77 36.18
C SER A 330 9.70 -6.70 35.27
N ASN A 331 9.70 -6.98 33.97
CA ASN A 331 9.94 -5.99 32.94
C ASN A 331 8.89 -6.22 31.88
N ILE A 332 8.92 -5.44 30.82
CA ILE A 332 8.05 -5.70 29.67
C ILE A 332 8.77 -6.68 28.74
N LYS A 333 8.06 -7.75 28.38
CA LYS A 333 8.55 -8.85 27.54
C LYS A 333 8.40 -8.58 26.03
N SER A 334 7.19 -8.21 25.63
CA SER A 334 6.90 -7.91 24.27
C SER A 334 5.68 -7.04 24.21
N ILE A 335 5.47 -6.44 23.03
CA ILE A 335 4.30 -5.63 22.73
C ILE A 335 3.98 -5.81 21.24
N ALA A 336 2.69 -5.84 20.91
CA ALA A 336 2.29 -5.90 19.50
C ALA A 336 1.05 -5.06 19.32
N PHE A 337 0.71 -4.68 18.10
CA PHE A 337 -0.46 -3.84 17.87
C PHE A 337 -1.43 -4.47 16.84
N LYS A 338 -2.70 -4.15 16.99
CA LYS A 338 -3.73 -4.49 16.01
C LYS A 338 -4.36 -3.17 15.66
N ASP A 339 -4.57 -2.95 14.37
CA ASP A 339 -5.36 -1.81 13.95
C ASP A 339 -6.75 -2.21 13.38
N THR A 340 -7.57 -1.18 13.08
CA THR A 340 -8.98 -1.37 12.67
C THR A 340 -9.12 -2.12 11.36
N SER A 341 -8.10 -2.01 10.50
CA SER A 341 -8.09 -2.66 9.17
C SER A 341 -7.27 -3.94 9.16
N GLY A 342 -7.22 -4.63 10.30
CA GLY A 342 -6.44 -5.87 10.44
C GLY A 342 -4.93 -5.85 10.19
N LEU A 343 -4.36 -4.57 9.93
CA LEU A 343 -2.88 -4.56 9.78
C LEU A 343 -2.12 -4.80 11.11
N ASP A 344 -2.06 -6.10 11.54
CA ASP A 344 -1.31 -6.47 12.74
C ASP A 344 0.13 -6.04 12.56
N SER A 345 0.81 -5.78 13.67
CA SER A 345 2.24 -5.57 13.66
C SER A 345 2.85 -6.85 14.13
N ALA A 346 4.14 -7.00 13.88
CA ALA A 346 4.89 -8.06 14.53
C ALA A 346 4.77 -7.96 16.05
N THR A 347 5.22 -9.01 16.73
CA THR A 347 5.47 -8.92 18.14
C THR A 347 6.86 -8.38 18.33
N PHE A 348 6.97 -7.31 19.11
CA PHE A 348 8.29 -6.76 19.38
C PHE A 348 8.70 -7.26 20.71
N GLY A 349 9.69 -8.15 20.67
CA GLY A 349 10.23 -8.77 21.90
C GLY A 349 9.67 -10.18 22.06
N GLY A 350 10.02 -10.84 23.17
CA GLY A 350 9.50 -12.18 23.49
C GLY A 350 10.10 -13.35 22.71
N VAL A 351 11.32 -13.14 22.24
CA VAL A 351 12.04 -14.10 21.45
C VAL A 351 12.49 -15.30 22.31
N ASN A 352 12.71 -15.10 23.60
CA ASN A 352 13.11 -16.18 24.49
C ASN A 352 11.93 -16.97 25.09
N PRO A 353 11.79 -18.21 24.74
CA PRO A 353 10.63 -19.00 25.19
C PRO A 353 10.66 -19.37 26.67
N LYS A 354 11.71 -19.15 27.26
CA LYS A 354 11.76 -19.43 28.69
C LYS A 354 11.43 -18.19 29.55
N ASP A 355 11.39 -17.01 28.93
CA ASP A 355 11.01 -15.75 29.60
C ASP A 355 10.04 -14.89 28.76
N THR A 356 8.76 -15.31 28.67
CA THR A 356 7.73 -14.54 27.94
C THR A 356 6.60 -13.94 28.81
N GLY A 357 6.68 -14.10 30.13
CA GLY A 357 5.67 -13.55 31.06
C GLY A 357 4.18 -13.78 30.77
N GLU A 358 3.34 -12.85 31.24
CA GLU A 358 1.89 -13.03 31.12
C GLU A 358 1.28 -12.03 30.13
N LYS A 359 0.20 -12.46 29.47
CA LYS A 359 -0.50 -11.64 28.50
C LYS A 359 -1.37 -10.57 29.19
N ASN A 360 -1.39 -9.38 28.60
CA ASN A 360 -2.32 -8.34 28.99
C ASN A 360 -2.78 -7.77 27.70
N THR A 361 -3.95 -7.16 27.73
CA THR A 361 -4.53 -6.60 26.52
C THR A 361 -5.16 -5.24 26.79
N VAL A 362 -5.02 -4.32 25.84
CA VAL A 362 -5.76 -3.10 25.94
C VAL A 362 -6.70 -3.05 24.77
N SER A 363 -7.95 -2.69 25.02
CA SER A 363 -8.88 -2.42 23.97
C SER A 363 -9.21 -0.94 23.89
N ILE A 364 -9.20 -0.39 22.68
CA ILE A 364 -9.56 1.01 22.47
C ILE A 364 -10.75 1.08 21.50
N LYS A 365 -11.80 1.81 21.89
CA LYS A 365 -13.08 1.84 21.18
C LYS A 365 -13.11 2.83 19.99
N TRP A 366 -12.30 2.57 18.98
CA TRP A 366 -12.14 3.49 17.84
C TRP A 366 -13.45 3.70 17.05
N PRO A 367 -13.74 4.93 16.60
CA PRO A 367 -13.03 6.21 16.56
C PRO A 367 -13.24 7.14 17.77
N SER A 368 -14.34 6.95 18.51
CA SER A 368 -14.67 7.87 19.63
C SER A 368 -13.63 7.77 20.75
N GLU A 369 -12.96 6.62 20.82
CA GLU A 369 -11.79 6.46 21.66
C GLU A 369 -10.60 6.22 20.73
N TYR A 370 -9.50 6.94 20.97
CA TYR A 370 -8.27 6.80 20.23
C TYR A 370 -7.10 7.09 21.19
N LEU A 371 -5.94 6.45 20.98
CA LEU A 371 -4.83 6.60 21.92
C LEU A 371 -4.29 8.03 21.97
N THR A 372 -4.03 8.54 23.18
CA THR A 372 -3.44 9.87 23.36
C THR A 372 -1.94 9.90 23.67
N SER A 373 -1.51 9.05 24.61
CA SER A 373 -0.11 8.83 24.90
C SER A 373 0.19 7.56 25.67
N ILE A 374 1.46 7.42 26.05
CA ILE A 374 1.92 6.37 26.95
C ILE A 374 2.65 6.93 28.12
N ASP A 375 2.70 6.13 29.16
CA ASP A 375 3.51 6.36 30.38
C ASP A 375 4.23 5.09 30.76
N GLY A 376 5.20 5.20 31.67
CA GLY A 376 5.91 4.04 32.21
C GLY A 376 7.24 4.31 32.91
N THR A 377 7.97 3.21 33.18
CA THR A 377 9.28 3.21 33.81
C THR A 377 10.21 2.38 32.95
N TYR A 378 11.50 2.58 33.12
CA TYR A 378 12.45 1.61 32.61
C TYR A 378 13.50 1.43 33.64
N GLY A 379 14.16 0.28 33.63
CA GLY A 379 15.22 -0.03 34.59
C GLY A 379 15.93 -1.29 34.20
N GLN A 380 16.58 -1.92 35.19
CA GLN A 380 17.43 -3.06 34.95
C GLN A 380 16.68 -4.32 35.25
N TYR A 381 16.82 -5.30 34.38
CA TYR A 381 16.22 -6.57 34.56
C TYR A 381 17.22 -7.65 34.26
N LYS A 382 17.28 -8.61 35.15
CA LYS A 382 18.22 -9.68 35.09
C LYS A 382 17.54 -11.00 34.95
N PHE A 383 17.80 -11.65 33.85
CA PHE A 383 17.43 -13.01 33.67
C PHE A 383 18.53 -14.04 33.55
N LYS A 384 19.23 -14.01 32.44
CA LYS A 384 20.37 -14.88 32.18
C LYS A 384 21.51 -13.90 32.04
N ASP A 385 21.10 -12.67 31.75
CA ASP A 385 21.99 -11.52 31.66
C ASP A 385 21.25 -10.25 32.07
N VAL A 386 22.01 -9.23 32.51
CA VAL A 386 21.42 -7.97 32.95
C VAL A 386 21.09 -7.07 31.77
N PHE A 387 19.84 -6.61 31.71
CA PHE A 387 19.39 -5.72 30.64
C PHE A 387 18.75 -4.42 31.17
N THR A 388 18.85 -3.33 30.39
CA THR A 388 18.14 -2.11 30.72
C THR A 388 17.00 -2.03 29.73
N THR A 389 15.77 -2.25 30.20
CA THR A 389 14.61 -2.30 29.29
C THR A 389 13.41 -1.60 29.92
N VAL A 390 12.35 -1.40 29.14
CA VAL A 390 11.09 -0.90 29.68
C VAL A 390 10.55 -1.92 30.69
N THR A 391 10.26 -1.48 31.91
CA THR A 391 9.81 -2.38 32.97
C THR A 391 8.31 -2.27 33.30
N SER A 392 7.71 -1.13 32.94
CA SER A 392 6.25 -0.91 33.13
C SER A 392 5.69 0.06 32.07
N LEU A 393 4.41 -0.08 31.73
CA LEU A 393 3.81 0.72 30.66
C LEU A 393 2.33 0.95 30.96
N SER A 394 1.80 2.10 30.52
CA SER A 394 0.39 2.44 30.59
C SER A 394 0.12 3.19 29.33
N PHE A 395 -1.15 3.30 28.98
CA PHE A 395 -1.58 4.06 27.80
C PHE A 395 -2.77 4.96 28.12
N THR A 396 -2.79 6.12 27.52
CA THR A 396 -3.93 7.01 27.68
C THR A 396 -4.71 7.19 26.34
N THR A 397 -6.02 7.28 26.45
CA THR A 397 -6.80 7.69 25.33
C THR A 397 -7.41 9.03 25.65
N ASN A 398 -8.14 9.62 24.68
CA ASN A 398 -8.94 10.80 24.95
C ASN A 398 -9.98 10.56 26.04
N LEU A 399 -10.23 9.27 26.34
CA LEU A 399 -11.26 8.91 27.33
C LEU A 399 -10.79 8.33 28.65
N ALA A 400 -9.69 7.57 28.61
CA ALA A 400 -9.27 6.78 29.77
C ALA A 400 -7.77 6.54 29.76
N THR A 401 -7.33 5.87 30.83
CA THR A 401 -5.97 5.39 31.00
C THR A 401 -6.09 3.88 31.21
N TYR A 402 -5.19 3.13 30.59
CA TYR A 402 -5.18 1.67 30.61
C TYR A 402 -3.81 1.26 31.04
N GLY A 403 -3.72 0.15 31.75
CA GLY A 403 -2.48 -0.23 32.38
C GLY A 403 -2.69 0.30 33.76
N PRO A 404 -1.64 0.34 34.58
CA PRO A 404 -0.29 -0.06 34.19
C PRO A 404 -0.10 -1.57 34.03
N PHE A 405 0.96 -1.92 33.30
CA PHE A 405 1.42 -3.30 33.12
C PHE A 405 2.89 -3.39 33.46
N GLY A 406 3.30 -4.49 34.11
CA GLY A 406 4.71 -4.74 34.45
C GLY A 406 5.01 -4.29 35.86
N LYS A 407 6.29 -3.98 36.13
CA LYS A 407 6.78 -3.63 37.46
C LYS A 407 7.53 -2.34 37.38
N ALA A 408 7.03 -1.36 38.13
CA ALA A 408 7.56 -0.01 38.12
C ALA A 408 8.98 0.03 38.64
N SER A 409 9.84 0.79 37.97
CA SER A 409 11.14 1.00 38.56
C SER A 409 11.30 2.48 38.82
N LEU A 410 12.52 2.87 39.18
CA LEU A 410 12.81 4.24 39.60
C LEU A 410 12.61 5.30 38.50
N THR A 411 13.07 5.01 37.29
CA THR A 411 13.03 5.97 36.23
C THR A 411 11.69 5.85 35.49
N SER A 412 10.95 6.96 35.47
CA SER A 412 9.62 7.03 34.89
C SER A 412 9.63 8.01 33.71
N PHE A 413 8.65 7.89 32.82
CA PHE A 413 8.59 8.74 31.65
C PHE A 413 7.12 8.97 31.38
N SER A 414 6.80 10.15 30.85
CA SER A 414 5.44 10.50 30.48
C SER A 414 5.50 11.71 29.54
N ILE A 415 4.37 12.06 28.93
CA ILE A 415 4.28 13.19 28.00
C ILE A 415 3.05 13.99 28.27
N PRO A 416 3.26 15.21 28.74
CA PRO A 416 2.08 16.02 28.99
C PRO A 416 1.59 16.62 27.65
N ILE A 417 0.94 15.80 26.82
CA ILE A 417 0.60 16.15 25.42
C ILE A 417 -0.93 16.23 25.27
N HIS A 418 -1.44 17.11 24.40
CA HIS A 418 -2.89 17.32 24.22
C HIS A 418 -3.23 17.65 22.76
N ASN A 419 -4.50 17.56 22.41
CA ASN A 419 -4.99 17.83 21.01
C ASN A 419 -4.27 16.98 19.96
N ASN A 420 -3.97 15.74 20.30
CA ASN A 420 -3.25 14.84 19.37
C ASN A 420 -3.92 13.49 19.25
N MET A 421 -3.36 12.62 18.40
CA MET A 421 -3.58 11.19 18.51
C MET A 421 -2.34 10.40 18.20
N VAL A 422 -2.19 9.28 18.90
CA VAL A 422 -1.06 8.38 18.67
C VAL A 422 -1.38 7.59 17.40
N VAL A 423 -0.48 7.58 16.41
CA VAL A 423 -0.74 6.92 15.09
C VAL A 423 0.19 5.73 14.84
N GLY A 424 1.04 5.48 15.83
CA GLY A 424 1.99 4.36 15.78
C GLY A 424 2.98 4.42 16.96
N PHE A 425 3.88 3.43 17.02
CA PHE A 425 4.89 3.30 18.10
C PHE A 425 6.23 3.00 17.50
N HIS A 426 7.29 3.19 18.26
CA HIS A 426 8.59 2.76 17.84
C HIS A 426 9.46 2.47 19.04
N GLY A 427 10.63 1.90 18.80
CA GLY A 427 11.54 1.68 19.88
C GLY A 427 12.56 0.70 19.43
N ARG A 428 13.01 -0.12 20.39
CA ARG A 428 13.97 -1.19 20.20
C ARG A 428 13.49 -2.40 20.97
N ALA A 429 13.80 -3.58 20.47
CA ALA A 429 13.47 -4.79 21.16
C ALA A 429 14.31 -5.97 20.75
N GLY A 430 14.51 -6.89 21.61
CA GLY A 430 15.14 -8.18 21.36
C GLY A 430 14.32 -9.25 22.05
N ASP A 431 14.94 -9.82 23.12
CA ASP A 431 14.23 -10.74 23.96
C ASP A 431 13.11 -9.98 24.63
N TYR A 432 13.35 -8.70 24.88
CA TYR A 432 12.41 -7.85 25.59
C TYR A 432 12.13 -6.52 24.85
N LEU A 433 11.24 -5.71 25.40
CA LEU A 433 11.03 -4.36 24.93
C LEU A 433 12.08 -3.46 25.59
N ASP A 434 13.20 -3.25 24.88
CA ASP A 434 14.28 -2.44 25.42
C ASP A 434 13.83 -0.98 25.60
N ALA A 435 13.13 -0.46 24.62
CA ALA A 435 12.85 0.99 24.56
C ALA A 435 11.54 1.13 23.83
N ILE A 436 10.77 2.19 24.17
CA ILE A 436 9.54 2.51 23.41
C ILE A 436 9.18 3.99 23.30
N GLY A 437 8.71 4.39 22.11
CA GLY A 437 8.13 5.73 21.90
C GLY A 437 6.92 5.79 20.98
N ILE A 438 6.43 7.01 20.72
CA ILE A 438 5.18 7.11 19.98
C ILE A 438 5.34 8.00 18.77
N PHE A 439 4.41 7.88 17.82
CA PHE A 439 4.31 8.77 16.71
C PHE A 439 2.97 9.42 16.93
N VAL A 440 2.88 10.74 16.71
CA VAL A 440 1.62 11.47 16.94
C VAL A 440 1.28 12.42 15.79
N LYS A 441 0.00 12.75 15.70
CA LYS A 441 -0.48 13.69 14.76
C LYS A 441 -1.49 14.52 15.48
N PRO A 442 -1.88 15.64 14.90
CA PRO A 442 -2.76 16.59 15.55
C PRO A 442 -4.18 16.18 15.52
N ASP A 443 -5.00 17.05 16.08
CA ASP A 443 -6.45 16.98 16.04
C ASP A 443 -6.92 16.23 17.25
#